data_1OV3
#
_entry.id   1OV3
#
_cell.length_a   132.66
_cell.length_b   57.81
_cell.length_c   45.17
_cell.angle_alpha   90.00
_cell.angle_beta   90.00
_cell.angle_gamma   90.00
#
_symmetry.space_group_name_H-M   'P 21 21 2'
#
loop_
_entity.id
_entity.type
_entity.pdbx_description
1 polymer 'Neutrophil cytosol factor 1'
2 polymer 'Flavocytochrome b558 alpha polypeptide'
3 water water
#
loop_
_entity_poly.entity_id
_entity_poly.type
_entity_poly.pdbx_seq_one_letter_code
_entity_poly.pdbx_strand_id
1 'polypeptide(L)'
;GPLGSPEFIILQTYRAIADYEKTSGSEMALSTGDVVEVVEKSESGWWFCQMKAKRGWIPASFLEPLDSPDETEDPEPNYA
GEPYVAIKAYTAVEGDEVSLLEGEAVEVIHKLLDGWWVIRKDDVTGYFPSMYLQKSGQ
;
A,B
2 'polypeptide(L)' KQPPSNPPPRPPAEARKK C,D
#
# COMPACT_ATOMS: atom_id res chain seq x y z
N LEU A 3 -11.14 -20.50 2.50
CA LEU A 3 -11.19 -19.61 1.31
C LEU A 3 -12.04 -18.38 1.63
N GLY A 4 -11.59 -17.21 1.16
CA GLY A 4 -12.30 -15.97 1.42
C GLY A 4 -13.07 -15.42 0.25
N SER A 5 -13.91 -14.43 0.51
CA SER A 5 -14.75 -13.84 -0.51
C SER A 5 -14.33 -12.39 -0.69
N PRO A 6 -13.87 -12.05 -1.89
CA PRO A 6 -13.41 -10.68 -2.14
C PRO A 6 -14.54 -9.67 -2.25
N GLU A 7 -14.38 -8.54 -1.56
CA GLU A 7 -15.36 -7.46 -1.65
C GLU A 7 -14.73 -6.07 -1.87
N PHE A 8 -15.17 -5.39 -2.93
CA PHE A 8 -14.66 -4.06 -3.29
C PHE A 8 -15.52 -2.97 -2.63
N ILE A 9 -14.89 -2.14 -1.78
CA ILE A 9 -15.58 -1.02 -1.14
C ILE A 9 -15.13 0.27 -1.83
N ILE A 10 -16.00 0.87 -2.63
CA ILE A 10 -15.66 2.11 -3.36
C ILE A 10 -15.47 3.28 -2.42
N LEU A 11 -14.22 3.74 -2.36
CA LEU A 11 -13.79 4.80 -1.45
C LEU A 11 -13.40 6.08 -2.16
N GLN A 12 -13.68 7.20 -1.52
CA GLN A 12 -13.37 8.49 -2.08
C GLN A 12 -11.84 8.57 -1.99
N THR A 13 -11.24 9.27 -2.94
CA THR A 13 -9.79 9.36 -2.96
C THR A 13 -9.37 10.82 -2.86
N TYR A 14 -8.23 11.05 -2.22
CA TYR A 14 -7.71 12.38 -2.00
C TYR A 14 -6.19 12.27 -2.10
N ARG A 15 -5.56 13.43 -2.23
CA ARG A 15 -4.11 13.56 -2.34
C ARG A 15 -3.56 14.38 -1.19
N ALA A 16 -2.45 13.91 -0.62
CA ALA A 16 -1.78 14.63 0.47
C ALA A 16 -1.09 15.88 -0.06
N ILE A 17 -1.33 17.00 0.59
CA ILE A 17 -0.69 18.26 0.18
C ILE A 17 0.54 18.64 0.98
N ALA A 18 0.83 17.86 2.01
CA ALA A 18 2.02 18.09 2.83
C ALA A 18 2.37 16.83 3.58
N ASP A 19 3.59 16.79 4.07
CA ASP A 19 4.07 15.68 4.87
C ASP A 19 3.40 15.71 6.24
N TYR A 20 2.98 14.54 6.72
CA TYR A 20 2.45 14.41 8.07
C TYR A 20 3.18 13.31 8.84
N GLU A 21 3.66 13.62 10.05
CA GLU A 21 4.34 12.64 10.90
C GLU A 21 3.43 12.19 12.04
N LYS A 22 3.26 10.88 12.19
CA LYS A 22 2.45 10.29 13.26
C LYS A 22 2.85 10.73 14.66
N THR A 23 1.87 11.05 15.50
CA THR A 23 2.15 11.43 16.88
C THR A 23 1.56 10.39 17.84
N SER A 24 0.78 9.48 17.28
CA SER A 24 0.18 8.37 18.03
C SER A 24 -0.02 7.18 17.10
N GLY A 25 -0.05 5.98 17.66
CA GLY A 25 -0.09 4.73 16.92
C GLY A 25 -1.17 4.48 15.90
N SER A 26 -2.37 5.00 16.15
CA SER A 26 -3.49 4.77 15.25
C SER A 26 -3.53 5.77 14.08
N GLU A 27 -2.54 6.66 14.02
CA GLU A 27 -2.44 7.62 12.93
C GLU A 27 -1.61 7.00 11.80
N MET A 28 -1.46 7.74 10.70
CA MET A 28 -0.68 7.27 9.55
C MET A 28 0.18 8.41 9.04
N ALA A 29 1.43 8.11 8.71
CA ALA A 29 2.35 9.11 8.19
C ALA A 29 1.99 9.42 6.74
N LEU A 30 2.19 10.66 6.33
CA LEU A 30 1.95 11.04 4.95
C LEU A 30 3.16 11.72 4.34
N SER A 31 3.28 11.58 3.03
CA SER A 31 4.27 12.32 2.26
C SER A 31 3.49 13.12 1.21
N THR A 32 3.89 14.37 1.01
CA THR A 32 3.28 15.20 -0.02
C THR A 32 3.06 14.40 -1.31
N GLY A 33 1.84 14.40 -1.84
CA GLY A 33 1.60 13.68 -3.08
C GLY A 33 1.02 12.27 -2.93
N ASP A 34 1.02 11.74 -1.70
CA ASP A 34 0.49 10.41 -1.48
C ASP A 34 -0.97 10.40 -1.82
N VAL A 35 -1.42 9.32 -2.43
CA VAL A 35 -2.84 9.17 -2.73
C VAL A 35 -3.48 8.24 -1.72
N VAL A 36 -4.55 8.70 -1.08
CA VAL A 36 -5.17 7.93 -0.02
C VAL A 36 -6.65 7.74 -0.30
N GLU A 37 -7.18 6.68 0.28
CA GLU A 37 -8.59 6.32 0.18
C GLU A 37 -9.21 6.60 1.53
N VAL A 38 -10.43 7.14 1.54
CA VAL A 38 -11.04 7.55 2.79
C VAL A 38 -12.04 6.49 3.31
N VAL A 39 -11.76 5.96 4.49
CA VAL A 39 -12.62 4.94 5.07
C VAL A 39 -13.73 5.57 5.89
N GLU A 40 -13.38 6.54 6.72
CA GLU A 40 -14.37 7.23 7.57
C GLU A 40 -13.93 8.66 7.86
N LYS A 41 -14.87 9.61 7.82
CA LYS A 41 -14.59 11.01 8.18
C LYS A 41 -15.12 11.37 9.57
N SER A 42 -14.35 12.12 10.35
CA SER A 42 -14.81 12.55 11.67
C SER A 42 -14.88 14.08 11.77
N GLU A 43 -15.96 14.59 12.34
CA GLU A 43 -16.13 16.04 12.48
C GLU A 43 -15.02 16.61 13.36
N SER A 44 -14.27 15.74 14.04
CA SER A 44 -13.11 16.18 14.80
C SER A 44 -12.03 16.72 13.87
N GLY A 45 -12.16 16.48 12.57
CA GLY A 45 -11.15 16.90 11.62
C GLY A 45 -10.18 15.77 11.27
N TRP A 46 -10.37 14.63 11.92
CA TRP A 46 -9.57 13.45 11.67
C TRP A 46 -10.30 12.54 10.70
N TRP A 47 -9.60 12.04 9.69
CA TRP A 47 -10.16 11.09 8.73
C TRP A 47 -9.39 9.76 8.81
N PHE A 48 -10.13 8.66 8.85
CA PHE A 48 -9.48 7.34 8.85
C PHE A 48 -9.25 6.93 7.41
N CYS A 49 -7.99 6.84 7.01
CA CYS A 49 -7.68 6.55 5.61
C CYS A 49 -6.72 5.39 5.45
N GLN A 50 -6.55 4.98 4.20
CA GLN A 50 -5.57 3.98 3.85
C GLN A 50 -4.87 4.43 2.58
N MET A 51 -3.58 4.18 2.50
CA MET A 51 -2.85 4.50 1.30
C MET A 51 -3.50 3.69 0.16
N LYS A 52 -3.69 4.31 -1.00
CA LYS A 52 -4.10 3.53 -2.16
C LYS A 52 -2.96 2.55 -2.40
N ALA A 53 -3.26 1.25 -2.33
CA ALA A 53 -2.21 0.24 -2.42
C ALA A 53 -1.62 0.12 -3.81
N LYS A 54 -0.31 -0.08 -3.86
CA LYS A 54 0.35 -0.41 -5.11
C LYS A 54 0.10 -1.90 -5.39
N ARG A 55 0.14 -2.29 -6.67
CA ARG A 55 -0.03 -3.70 -7.02
C ARG A 55 0.68 -3.97 -8.34
N GLY A 56 0.92 -5.24 -8.60
CA GLY A 56 1.57 -5.63 -9.83
C GLY A 56 2.35 -6.91 -9.70
N TRP A 57 2.98 -7.30 -10.80
CA TRP A 57 3.76 -8.52 -10.87
C TRP A 57 5.12 -8.33 -10.24
N ILE A 58 5.54 -9.28 -9.41
CA ILE A 58 6.86 -9.24 -8.80
C ILE A 58 7.54 -10.60 -8.85
N PRO A 59 8.86 -10.63 -8.75
CA PRO A 59 9.59 -11.90 -8.77
C PRO A 59 9.37 -12.69 -7.48
N ALA A 60 8.82 -13.90 -7.59
CA ALA A 60 8.60 -14.76 -6.43
C ALA A 60 9.87 -14.89 -5.57
N SER A 61 11.01 -14.93 -6.24
CA SER A 61 12.28 -15.12 -5.54
C SER A 61 12.61 -13.97 -4.60
N PHE A 62 11.92 -12.83 -4.72
CA PHE A 62 12.21 -11.68 -3.87
C PHE A 62 11.39 -11.70 -2.61
N LEU A 63 10.58 -12.76 -2.46
CA LEU A 63 9.70 -12.92 -1.31
C LEU A 63 10.02 -14.13 -0.45
N GLU A 64 9.64 -14.05 0.81
CA GLU A 64 9.71 -15.22 1.72
C GLU A 64 8.41 -15.26 2.52
N PRO A 65 8.02 -16.45 2.96
CA PRO A 65 6.82 -16.59 3.80
C PRO A 65 6.97 -15.76 5.08
N LEU A 66 5.85 -15.25 5.56
CA LEU A 66 5.83 -14.40 6.74
C LEU A 66 6.42 -15.08 7.96
N ASP A 67 6.08 -16.35 8.16
CA ASP A 67 6.50 -17.04 9.36
C ASP A 67 7.39 -18.24 9.14
N SER A 68 7.17 -18.99 8.07
CA SER A 68 7.94 -20.23 7.88
C SER A 68 9.02 -20.08 6.84
N PRO A 69 9.82 -19.02 6.91
CA PRO A 69 10.72 -18.67 5.80
C PRO A 69 11.81 -19.69 5.53
N ASP A 70 12.02 -20.61 6.45
CA ASP A 70 13.03 -21.64 6.27
C ASP A 70 12.45 -22.88 5.59
N GLU A 71 11.13 -23.03 5.64
CA GLU A 71 10.48 -24.16 5.00
C GLU A 71 10.35 -23.85 3.51
N THR A 72 11.02 -24.64 2.67
CA THR A 72 10.98 -24.42 1.23
C THR A 72 9.63 -24.80 0.65
N GLU A 73 9.13 -23.97 -0.24
CA GLU A 73 7.81 -24.20 -0.85
C GLU A 73 7.92 -24.82 -2.24
N ASP A 74 9.14 -24.90 -2.77
CA ASP A 74 9.39 -25.48 -4.08
C ASP A 74 8.95 -26.94 -4.15
N PRO A 75 8.51 -27.38 -5.33
CA PRO A 75 8.23 -28.79 -5.53
C PRO A 75 9.55 -29.54 -5.40
N GLU A 76 9.48 -30.84 -5.22
CA GLU A 76 10.68 -31.64 -5.17
C GLU A 76 11.26 -31.76 -6.55
N PRO A 77 12.57 -31.94 -6.64
CA PRO A 77 13.23 -32.22 -7.91
C PRO A 77 12.68 -33.53 -8.47
N ASN A 78 12.78 -33.69 -9.77
CA ASN A 78 12.48 -34.96 -10.41
C ASN A 78 13.68 -35.30 -11.25
N TYR A 79 14.62 -36.02 -10.66
CA TYR A 79 15.90 -36.34 -11.29
C TYR A 79 15.78 -37.23 -12.52
N ALA A 80 14.64 -37.91 -12.66
CA ALA A 80 14.36 -38.71 -13.85
C ALA A 80 14.14 -37.80 -15.05
N GLY A 81 13.60 -36.62 -14.81
CA GLY A 81 13.42 -35.62 -15.85
C GLY A 81 12.09 -35.73 -16.54
N GLU A 82 11.57 -34.58 -16.97
CA GLU A 82 10.33 -34.51 -17.70
C GLU A 82 10.65 -33.79 -18.99
N PRO A 83 10.12 -34.27 -20.11
CA PRO A 83 10.44 -33.68 -21.41
C PRO A 83 9.74 -32.34 -21.71
N TYR A 84 10.55 -31.35 -22.04
CA TYR A 84 10.09 -30.05 -22.49
C TYR A 84 10.92 -29.65 -23.70
N VAL A 85 10.47 -28.62 -24.40
CA VAL A 85 11.18 -28.10 -25.57
C VAL A 85 11.26 -26.58 -25.45
N ALA A 86 12.38 -26.01 -25.88
CA ALA A 86 12.51 -24.56 -25.86
C ALA A 86 11.63 -23.94 -26.96
N ILE A 87 10.77 -23.00 -26.57
CA ILE A 87 9.91 -22.33 -27.54
C ILE A 87 10.50 -20.99 -27.99
N LYS A 88 11.55 -20.56 -27.33
CA LYS A 88 12.25 -19.34 -27.68
C LYS A 88 13.71 -19.56 -27.34
N ALA A 89 14.61 -19.09 -28.21
CA ALA A 89 16.03 -19.24 -27.94
C ALA A 89 16.43 -18.36 -26.75
N TYR A 90 17.44 -18.79 -26.00
CA TYR A 90 17.94 -18.02 -24.87
C TYR A 90 19.44 -18.22 -24.72
N THR A 91 20.16 -17.12 -24.60
CA THR A 91 21.61 -17.15 -24.44
C THR A 91 21.96 -16.97 -22.98
N ALA A 92 22.63 -17.97 -22.41
CA ALA A 92 22.98 -17.94 -21.01
C ALA A 92 23.75 -16.67 -20.68
N VAL A 93 23.38 -16.04 -19.57
CA VAL A 93 24.06 -14.84 -19.11
C VAL A 93 24.97 -15.26 -17.98
N GLU A 94 24.39 -15.93 -17.00
CA GLU A 94 25.16 -16.41 -15.86
C GLU A 94 25.83 -17.74 -16.16
N GLY A 95 27.01 -17.93 -15.56
CA GLY A 95 27.80 -19.14 -15.72
C GLY A 95 27.04 -20.42 -15.38
N ASP A 96 25.93 -20.32 -14.67
CA ASP A 96 25.16 -21.53 -14.33
C ASP A 96 23.90 -21.71 -15.17
N GLU A 97 23.74 -20.89 -16.19
CA GLU A 97 22.57 -20.97 -17.06
C GLU A 97 22.84 -21.83 -18.29
N VAL A 98 21.78 -22.26 -18.97
CA VAL A 98 21.93 -23.08 -20.15
C VAL A 98 21.51 -22.31 -21.38
N SER A 99 22.34 -22.35 -22.42
CA SER A 99 21.95 -21.74 -23.69
C SER A 99 21.18 -22.77 -24.52
N LEU A 100 19.98 -22.42 -24.98
CA LEU A 100 19.24 -23.29 -25.88
C LEU A 100 18.80 -22.53 -27.12
N LEU A 101 18.60 -23.25 -28.22
CA LEU A 101 18.07 -22.71 -29.45
C LEU A 101 16.58 -23.08 -29.51
N GLU A 102 15.78 -22.33 -30.25
CA GLU A 102 14.37 -22.66 -30.37
C GLU A 102 14.18 -24.06 -30.93
N GLY A 103 13.37 -24.87 -30.23
CA GLY A 103 13.06 -26.21 -30.69
C GLY A 103 13.89 -27.33 -30.08
N GLU A 104 14.87 -26.98 -29.26
CA GLU A 104 15.72 -28.00 -28.67
C GLU A 104 15.02 -28.68 -27.51
N ALA A 105 15.11 -30.00 -27.44
CA ALA A 105 14.42 -30.70 -26.37
C ALA A 105 15.31 -30.84 -25.15
N VAL A 106 14.72 -30.69 -23.98
CA VAL A 106 15.44 -30.84 -22.71
C VAL A 106 14.68 -31.67 -21.68
N GLU A 107 15.37 -31.96 -20.59
CA GLU A 107 14.77 -32.69 -19.50
C GLU A 107 14.69 -31.74 -18.33
N VAL A 108 13.47 -31.44 -17.89
CA VAL A 108 13.27 -30.58 -16.71
C VAL A 108 13.40 -31.41 -15.43
N ILE A 109 14.35 -31.05 -14.57
CA ILE A 109 14.57 -31.81 -13.34
C ILE A 109 14.17 -31.06 -12.06
N HIS A 110 13.96 -29.75 -12.14
CA HIS A 110 13.48 -29.00 -10.95
C HIS A 110 12.68 -27.75 -11.31
N LYS A 111 11.37 -27.79 -11.08
CA LYS A 111 10.48 -26.67 -11.39
C LYS A 111 10.39 -25.68 -10.24
N LEU A 112 11.48 -24.94 -10.00
CA LEU A 112 11.51 -23.94 -8.95
C LEU A 112 10.44 -22.88 -9.18
N LEU A 113 9.80 -22.48 -8.10
CA LEU A 113 8.75 -21.47 -8.11
C LEU A 113 9.18 -20.16 -8.72
N ASP A 114 10.47 -19.84 -8.64
CA ASP A 114 10.96 -18.56 -9.13
C ASP A 114 11.09 -18.41 -10.66
N GLY A 115 10.67 -19.41 -11.42
CA GLY A 115 10.72 -19.32 -12.87
C GLY A 115 12.04 -19.68 -13.52
N TRP A 116 13.06 -19.95 -12.72
CA TRP A 116 14.34 -20.38 -13.25
C TRP A 116 14.51 -21.87 -12.95
N TRP A 117 14.10 -22.69 -13.91
CA TRP A 117 14.08 -24.13 -13.71
C TRP A 117 15.42 -24.79 -13.94
N VAL A 118 15.68 -25.90 -13.27
CA VAL A 118 16.90 -26.68 -13.55
C VAL A 118 16.59 -27.71 -14.64
N ILE A 119 17.37 -27.69 -15.69
CA ILE A 119 17.15 -28.59 -16.82
C ILE A 119 18.43 -29.35 -17.15
N ARG A 120 18.27 -30.43 -17.92
CA ARG A 120 19.37 -31.27 -18.34
C ARG A 120 19.28 -31.40 -19.87
N LYS A 121 20.41 -31.19 -20.53
CA LYS A 121 20.47 -31.33 -21.98
C LYS A 121 21.75 -32.09 -22.23
N ASP A 122 21.60 -33.39 -22.53
CA ASP A 122 22.71 -34.30 -22.69
C ASP A 122 23.53 -34.32 -21.39
N ASP A 123 24.80 -33.96 -21.44
CA ASP A 123 25.61 -33.97 -20.23
C ASP A 123 25.66 -32.63 -19.47
N VAL A 124 24.88 -31.64 -19.90
CA VAL A 124 24.89 -30.34 -19.24
C VAL A 124 23.65 -30.10 -18.38
N THR A 125 23.85 -29.52 -17.20
CA THR A 125 22.75 -29.24 -16.29
C THR A 125 22.83 -27.78 -15.87
N GLY A 126 21.69 -27.10 -15.79
CA GLY A 126 21.68 -25.72 -15.43
C GLY A 126 20.32 -25.04 -15.38
N TYR A 127 20.33 -23.73 -15.14
CA TYR A 127 19.10 -22.95 -15.05
C TYR A 127 18.61 -22.43 -16.39
N PHE A 128 17.30 -22.40 -16.56
CA PHE A 128 16.69 -21.94 -17.81
C PHE A 128 15.30 -21.41 -17.50
N PRO A 129 14.91 -20.30 -18.14
CA PRO A 129 13.61 -19.67 -17.89
C PRO A 129 12.44 -20.59 -18.20
N SER A 130 11.60 -20.84 -17.20
CA SER A 130 10.41 -21.67 -17.42
C SER A 130 9.49 -21.07 -18.49
N MET A 131 9.46 -19.75 -18.62
CA MET A 131 8.57 -19.16 -19.62
C MET A 131 8.99 -19.45 -21.05
N TYR A 132 10.25 -19.87 -21.24
CA TYR A 132 10.74 -20.19 -22.57
C TYR A 132 10.64 -21.71 -22.89
N LEU A 133 9.99 -22.46 -21.99
CA LEU A 133 9.84 -23.89 -22.15
C LEU A 133 8.37 -24.29 -22.28
N GLN A 134 8.14 -25.37 -23.00
CA GLN A 134 6.80 -25.92 -23.20
C GLN A 134 6.88 -27.43 -23.09
N LYS A 135 5.90 -28.02 -22.42
CA LYS A 135 5.86 -29.46 -22.27
C LYS A 135 5.84 -30.12 -23.63
N SER A 136 6.50 -31.26 -23.76
CA SER A 136 6.41 -32.02 -24.99
C SER A 136 5.12 -32.85 -24.95
N SER B 5 -13.77 -9.34 -9.92
CA SER B 5 -12.66 -10.33 -9.76
C SER B 5 -13.22 -11.74 -9.47
N PRO B 6 -12.39 -12.65 -8.97
CA PRO B 6 -12.82 -14.06 -8.81
C PRO B 6 -13.82 -14.28 -7.69
N GLU B 7 -14.60 -15.36 -7.79
CA GLU B 7 -15.60 -15.70 -6.78
C GLU B 7 -15.01 -15.86 -5.39
N PHE B 8 -13.93 -16.64 -5.29
CA PHE B 8 -13.31 -16.84 -4.00
C PHE B 8 -11.80 -16.74 -4.16
N ILE B 9 -11.14 -16.41 -3.06
CA ILE B 9 -9.69 -16.26 -3.09
C ILE B 9 -9.10 -16.52 -1.73
N ILE B 10 -8.04 -17.32 -1.65
CA ILE B 10 -7.31 -17.43 -0.39
C ILE B 10 -6.10 -16.53 -0.56
N LEU B 11 -6.02 -15.48 0.24
CA LEU B 11 -4.92 -14.54 0.08
C LEU B 11 -3.78 -14.95 0.98
N GLN B 12 -2.60 -15.13 0.39
CA GLN B 12 -1.43 -15.48 1.17
C GLN B 12 -0.56 -14.26 1.32
N THR B 13 0.10 -14.14 2.47
CA THR B 13 0.92 -12.98 2.76
C THR B 13 2.39 -13.35 2.83
N TYR B 14 3.23 -12.56 2.20
CA TYR B 14 4.66 -12.80 2.14
C TYR B 14 5.40 -11.51 2.42
N ARG B 15 6.70 -11.62 2.62
CA ARG B 15 7.56 -10.51 2.96
C ARG B 15 8.69 -10.36 1.92
N ALA B 16 8.95 -9.13 1.47
CA ALA B 16 10.03 -8.90 0.51
C ALA B 16 11.38 -9.03 1.23
N ILE B 17 12.36 -9.65 0.55
CA ILE B 17 13.68 -9.85 1.11
C ILE B 17 14.76 -9.05 0.40
N ALA B 18 14.36 -8.35 -0.65
CA ALA B 18 15.26 -7.50 -1.42
C ALA B 18 14.46 -6.40 -2.09
N ASP B 19 15.15 -5.32 -2.48
CA ASP B 19 14.54 -4.23 -3.23
C ASP B 19 14.31 -4.69 -4.67
N TYR B 20 13.20 -4.29 -5.27
CA TYR B 20 12.96 -4.58 -6.68
C TYR B 20 12.49 -3.34 -7.40
N GLU B 21 13.14 -3.00 -8.51
CA GLU B 21 12.71 -1.87 -9.32
C GLU B 21 11.89 -2.35 -10.51
N LYS B 22 10.75 -1.72 -10.75
CA LYS B 22 9.91 -2.11 -11.90
C LYS B 22 10.66 -1.86 -13.20
N THR B 23 10.50 -2.77 -14.16
CA THR B 23 11.08 -2.57 -15.49
C THR B 23 9.97 -2.40 -16.53
N SER B 24 8.74 -2.63 -16.09
CA SER B 24 7.58 -2.42 -16.95
C SER B 24 6.40 -1.97 -16.09
N GLY B 25 5.38 -1.42 -16.73
CA GLY B 25 4.24 -0.85 -16.03
C GLY B 25 3.41 -1.79 -15.20
N SER B 26 3.34 -3.07 -15.60
CA SER B 26 2.47 -4.01 -14.90
C SER B 26 3.11 -4.62 -13.66
N GLU B 27 4.36 -4.27 -13.40
CA GLU B 27 5.09 -4.77 -12.25
C GLU B 27 4.85 -3.90 -11.04
N MET B 28 5.43 -4.28 -9.91
CA MET B 28 5.33 -3.50 -8.69
C MET B 28 6.73 -3.37 -8.08
N ALA B 29 7.03 -2.19 -7.52
CA ALA B 29 8.32 -1.99 -6.89
C ALA B 29 8.23 -2.56 -5.48
N LEU B 30 9.36 -3.02 -4.96
CA LEU B 30 9.43 -3.58 -3.62
C LEU B 30 10.59 -2.94 -2.88
N SER B 31 10.43 -2.80 -1.56
CA SER B 31 11.52 -2.42 -0.70
C SER B 31 11.58 -3.57 0.29
N THR B 32 12.78 -3.97 0.65
CA THR B 32 12.99 -4.99 1.66
C THR B 32 12.12 -4.75 2.90
N GLY B 33 11.41 -5.79 3.32
CA GLY B 33 10.58 -5.72 4.49
C GLY B 33 9.12 -5.45 4.12
N ASP B 34 8.88 -5.11 2.86
CA ASP B 34 7.52 -4.82 2.42
C ASP B 34 6.65 -6.08 2.62
N VAL B 35 5.42 -5.90 3.07
CA VAL B 35 4.53 -7.03 3.26
C VAL B 35 3.52 -6.99 2.13
N VAL B 36 3.38 -8.11 1.42
CA VAL B 36 2.54 -8.12 0.26
C VAL B 36 1.53 -9.24 0.32
N GLU B 37 0.42 -9.04 -0.35
CA GLU B 37 -0.64 -10.05 -0.44
C GLU B 37 -0.60 -10.65 -1.86
N VAL B 38 -0.45 -11.96 -1.95
CA VAL B 38 -0.30 -12.61 -3.25
C VAL B 38 -1.66 -12.94 -3.86
N VAL B 39 -1.95 -12.37 -5.02
CA VAL B 39 -3.22 -12.61 -5.70
C VAL B 39 -3.20 -13.80 -6.65
N GLU B 40 -2.12 -13.93 -7.41
CA GLU B 40 -2.00 -14.98 -8.41
C GLU B 40 -0.55 -15.39 -8.55
N LYS B 41 -0.31 -16.70 -8.63
CA LYS B 41 1.03 -17.23 -8.80
C LYS B 41 1.19 -17.83 -10.20
N SER B 42 2.15 -17.35 -10.98
CA SER B 42 2.40 -17.87 -12.30
C SER B 42 3.66 -18.76 -12.32
N GLU B 43 3.60 -19.87 -13.05
CA GLU B 43 4.78 -20.75 -13.13
C GLU B 43 5.96 -20.06 -13.82
N SER B 44 5.68 -18.90 -14.44
CA SER B 44 6.72 -18.09 -15.05
C SER B 44 7.71 -17.57 -13.98
N GLY B 45 7.32 -17.57 -12.71
CA GLY B 45 8.20 -17.04 -11.67
C GLY B 45 7.74 -15.67 -11.22
N TRP B 46 6.71 -15.16 -11.89
CA TRP B 46 6.10 -13.88 -11.51
C TRP B 46 4.87 -14.12 -10.65
N TRP B 47 4.77 -13.38 -9.55
CA TRP B 47 3.54 -13.42 -8.74
C TRP B 47 2.88 -12.04 -8.75
N PHE B 48 1.57 -12.02 -8.94
CA PHE B 48 0.81 -10.77 -8.92
C PHE B 48 0.36 -10.47 -7.48
N CYS B 49 0.89 -9.38 -6.95
CA CYS B 49 0.64 -9.04 -5.57
C CYS B 49 0.11 -7.61 -5.38
N GLN B 50 -0.41 -7.34 -4.19
CA GLN B 50 -0.75 -5.97 -3.83
C GLN B 50 -0.07 -5.72 -2.50
N MET B 51 0.35 -4.49 -2.27
CA MET B 51 1.00 -4.14 -1.03
C MET B 51 -0.06 -4.25 0.06
N LYS B 52 0.31 -4.79 1.22
CA LYS B 52 -0.63 -4.92 2.32
C LYS B 52 -1.06 -3.54 2.72
N ALA B 53 -2.36 -3.43 2.98
CA ALA B 53 -2.97 -2.20 3.41
C ALA B 53 -2.19 -1.47 4.51
N LYS B 54 -2.02 -0.18 4.34
CA LYS B 54 -1.42 0.69 5.33
C LYS B 54 -2.49 1.74 5.67
N ARG B 55 -2.93 1.80 6.92
CA ARG B 55 -4.00 2.72 7.26
C ARG B 55 -3.88 3.40 8.61
N GLY B 56 -4.66 4.47 8.78
CA GLY B 56 -4.72 5.17 10.04
C GLY B 56 -5.37 6.53 9.94
N TRP B 57 -5.49 7.19 11.09
CA TRP B 57 -6.12 8.51 11.12
C TRP B 57 -5.16 9.58 10.63
N ILE B 58 -5.66 10.48 9.78
CA ILE B 58 -4.88 11.61 9.31
C ILE B 58 -5.71 12.88 9.33
N PRO B 59 -5.05 14.02 9.34
CA PRO B 59 -5.78 15.29 9.32
C PRO B 59 -6.42 15.57 7.96
N ALA B 60 -7.72 15.79 7.95
CA ALA B 60 -8.41 16.19 6.73
C ALA B 60 -7.77 17.38 6.01
N SER B 61 -7.27 18.36 6.77
CA SER B 61 -6.65 19.55 6.20
C SER B 61 -5.40 19.26 5.37
N PHE B 62 -4.74 18.14 5.64
CA PHE B 62 -3.55 17.77 4.87
C PHE B 62 -3.91 17.11 3.54
N LEU B 63 -5.19 17.10 3.21
CA LEU B 63 -5.62 16.46 1.98
C LEU B 63 -6.36 17.40 1.05
N GLU B 64 -6.37 17.05 -0.23
CA GLU B 64 -7.12 17.82 -1.23
C GLU B 64 -7.68 16.84 -2.25
N PRO B 65 -8.73 17.24 -2.96
CA PRO B 65 -9.34 16.39 -3.98
C PRO B 65 -8.30 16.08 -5.06
N LEU B 66 -8.42 14.96 -5.74
CA LEU B 66 -7.41 14.60 -6.72
C LEU B 66 -7.32 15.64 -7.84
N ASP B 67 -8.43 16.32 -8.10
CA ASP B 67 -8.51 17.35 -9.13
C ASP B 67 -8.88 18.72 -8.53
N SER B 68 -7.96 19.68 -8.59
CA SER B 68 -8.24 21.07 -8.19
C SER B 68 -7.76 21.49 -6.80
N PRO B 69 -7.59 22.80 -6.59
CA PRO B 69 -7.16 23.33 -5.30
C PRO B 69 -8.30 23.40 -4.28
N ASP B 70 -9.53 23.54 -4.77
CA ASP B 70 -10.69 23.64 -3.90
C ASP B 70 -11.32 22.28 -3.59
N GLU B 76 -19.10 31.72 3.28
CA GLU B 76 -20.02 32.85 3.34
C GLU B 76 -20.09 33.34 4.78
N PRO B 77 -20.18 34.66 4.96
CA PRO B 77 -20.28 35.23 6.30
C PRO B 77 -21.47 34.67 7.08
N ASN B 78 -21.28 34.47 8.38
CA ASN B 78 -22.36 34.01 9.23
C ASN B 78 -22.47 34.98 10.39
N TYR B 79 -23.49 35.82 10.36
CA TYR B 79 -23.63 36.86 11.37
C TYR B 79 -24.35 36.36 12.61
N ALA B 80 -25.00 35.21 12.51
CA ALA B 80 -25.71 34.64 13.64
C ALA B 80 -25.14 33.27 13.99
N GLY B 81 -24.15 33.24 14.88
CA GLY B 81 -23.48 32.02 15.29
C GLY B 81 -24.26 31.11 16.23
N GLU B 82 -23.90 29.83 16.20
CA GLU B 82 -24.59 28.81 16.96
C GLU B 82 -23.98 28.67 18.36
N PRO B 83 -24.82 28.57 19.38
CA PRO B 83 -24.35 28.49 20.77
C PRO B 83 -23.61 27.19 21.14
N TYR B 84 -22.35 27.30 21.54
CA TYR B 84 -21.58 26.18 22.04
C TYR B 84 -20.83 26.55 23.31
N VAL B 85 -20.36 25.54 24.04
CA VAL B 85 -19.60 25.78 25.26
C VAL B 85 -18.38 24.87 25.28
N ALA B 86 -17.27 25.40 25.74
CA ALA B 86 -16.08 24.59 25.83
C ALA B 86 -16.20 23.54 26.92
N ILE B 87 -15.79 22.32 26.60
CA ILE B 87 -15.88 21.20 27.52
C ILE B 87 -14.51 20.91 28.11
N LYS B 88 -13.48 21.50 27.52
CA LYS B 88 -12.13 21.32 28.01
C LYS B 88 -11.35 22.62 27.76
N ALA B 89 -10.47 22.99 28.68
CA ALA B 89 -9.67 24.19 28.50
C ALA B 89 -8.70 23.96 27.37
N TYR B 90 -8.45 25.02 26.62
CA TYR B 90 -7.45 24.99 25.58
C TYR B 90 -6.79 26.36 25.49
N THR B 91 -5.47 26.39 25.51
CA THR B 91 -4.72 27.64 25.34
C THR B 91 -4.31 27.81 23.90
N ALA B 92 -4.59 28.99 23.34
CA ALA B 92 -4.27 29.27 21.94
C ALA B 92 -2.78 29.09 21.65
N VAL B 93 -2.45 28.40 20.56
CA VAL B 93 -1.04 28.25 20.18
C VAL B 93 -0.71 29.33 19.15
N GLU B 94 -1.42 29.32 18.03
CA GLU B 94 -1.22 30.32 16.99
C GLU B 94 -1.96 31.61 17.36
N GLY B 95 -1.53 32.71 16.76
CA GLY B 95 -2.08 34.03 17.03
C GLY B 95 -3.54 34.21 16.62
N ASP B 96 -4.00 33.32 15.75
CA ASP B 96 -5.39 33.40 15.31
C ASP B 96 -6.28 32.39 16.01
N GLU B 97 -5.78 31.79 17.08
CA GLU B 97 -6.58 30.87 17.88
C GLU B 97 -7.13 31.57 19.12
N VAL B 98 -8.13 30.96 19.73
CA VAL B 98 -8.75 31.54 20.91
C VAL B 98 -8.50 30.69 22.17
N SER B 99 -8.12 31.31 23.28
CA SER B 99 -7.99 30.58 24.55
C SER B 99 -9.34 30.54 25.29
N LEU B 100 -9.71 29.36 25.78
CA LEU B 100 -10.97 29.16 26.48
C LEU B 100 -10.76 28.28 27.69
N LEU B 101 -11.58 28.47 28.72
CA LEU B 101 -11.59 27.60 29.88
C LEU B 101 -12.88 26.79 29.77
N GLU B 102 -12.91 25.62 30.42
CA GLU B 102 -14.11 24.79 30.47
C GLU B 102 -15.30 25.58 30.99
N GLY B 103 -16.46 25.42 30.36
CA GLY B 103 -17.64 26.15 30.81
C GLY B 103 -17.88 27.47 30.09
N GLU B 104 -16.90 28.00 29.37
CA GLU B 104 -17.08 29.28 28.67
C GLU B 104 -17.92 29.13 27.39
N ALA B 105 -18.98 29.90 27.29
CA ALA B 105 -19.84 29.83 26.13
C ALA B 105 -19.29 30.65 24.98
N VAL B 106 -19.57 30.19 23.77
CA VAL B 106 -19.10 30.87 22.56
C VAL B 106 -20.13 30.81 21.45
N GLU B 107 -19.87 31.60 20.41
CA GLU B 107 -20.69 31.62 19.22
C GLU B 107 -19.87 30.93 18.15
N VAL B 108 -20.41 29.86 17.59
CA VAL B 108 -19.69 29.18 16.52
C VAL B 108 -20.11 29.75 15.18
N ILE B 109 -19.15 30.37 14.50
CA ILE B 109 -19.36 31.00 13.20
C ILE B 109 -19.28 30.00 12.05
N HIS B 110 -18.21 29.21 12.01
CA HIS B 110 -18.02 28.25 10.94
C HIS B 110 -17.64 26.88 11.48
N LYS B 111 -18.49 25.88 11.24
CA LYS B 111 -18.20 24.49 11.67
C LYS B 111 -17.36 23.80 10.60
N LEU B 112 -16.12 24.22 10.48
CA LEU B 112 -15.22 23.73 9.45
C LEU B 112 -14.87 22.26 9.68
N LEU B 113 -14.66 21.53 8.59
CA LEU B 113 -14.44 20.08 8.65
C LEU B 113 -13.05 19.61 9.03
N ASP B 114 -12.12 20.55 9.20
CA ASP B 114 -10.75 20.22 9.54
C ASP B 114 -10.50 20.23 11.05
N GLY B 115 -11.57 20.38 11.83
CA GLY B 115 -11.47 20.32 13.27
C GLY B 115 -11.15 21.64 13.96
N TRP B 116 -10.99 22.71 13.19
CA TRP B 116 -10.71 24.01 13.77
C TRP B 116 -11.80 24.95 13.33
N TRP B 117 -12.75 25.17 14.23
CA TRP B 117 -13.91 26.00 13.97
C TRP B 117 -13.59 27.46 14.21
N VAL B 118 -14.30 28.35 13.51
CA VAL B 118 -14.17 29.79 13.75
C VAL B 118 -15.21 30.15 14.78
N ILE B 119 -14.78 30.73 15.90
CA ILE B 119 -15.72 31.06 16.97
C ILE B 119 -15.56 32.52 17.37
N ARG B 120 -16.46 32.97 18.23
CA ARG B 120 -16.42 34.31 18.77
C ARG B 120 -16.92 34.30 20.20
N LYS B 121 -16.21 35.03 21.05
CA LYS B 121 -16.61 35.24 22.41
C LYS B 121 -16.26 36.67 22.76
N ASP B 122 -17.28 37.44 23.11
CA ASP B 122 -17.13 38.86 23.44
C ASP B 122 -16.39 39.54 22.28
N ASP B 123 -15.29 40.21 22.60
CA ASP B 123 -14.52 40.93 21.58
C ASP B 123 -13.36 40.15 20.99
N VAL B 124 -13.40 38.82 21.09
CA VAL B 124 -12.34 37.99 20.55
C VAL B 124 -12.91 37.00 19.53
N THR B 125 -12.18 36.79 18.43
CA THR B 125 -12.59 35.78 17.44
C THR B 125 -11.38 35.01 16.96
N GLY B 126 -11.59 33.80 16.49
CA GLY B 126 -10.50 33.00 15.96
C GLY B 126 -10.84 31.53 15.94
N TYR B 127 -9.80 30.71 15.78
CA TYR B 127 -9.97 29.26 15.67
C TYR B 127 -9.91 28.51 17.00
N PHE B 128 -10.69 27.43 17.11
CA PHE B 128 -10.76 26.63 18.32
C PHE B 128 -11.11 25.19 17.97
N PRO B 129 -10.51 24.21 18.64
CA PRO B 129 -10.79 22.81 18.32
C PRO B 129 -12.24 22.41 18.53
N SER B 130 -12.83 21.90 17.47
CA SER B 130 -14.23 21.48 17.54
C SER B 130 -14.39 20.37 18.56
N MET B 131 -13.35 19.57 18.77
CA MET B 131 -13.49 18.45 19.67
C MET B 131 -13.64 18.89 21.12
N TYR B 132 -13.40 20.17 21.38
CA TYR B 132 -13.48 20.72 22.72
C TYR B 132 -14.71 21.58 22.92
N LEU B 133 -15.65 21.50 21.98
CA LEU B 133 -16.88 22.28 22.09
C LEU B 133 -18.07 21.35 22.11
N GLN B 134 -19.15 21.81 22.72
CA GLN B 134 -20.38 21.03 22.80
C GLN B 134 -21.59 21.96 22.63
N LYS B 135 -22.68 21.49 22.00
CA LYS B 135 -23.85 22.34 21.83
C LYS B 135 -24.28 22.83 23.20
N SER B 136 -24.72 24.08 23.30
CA SER B 136 -25.12 24.57 24.61
C SER B 136 -26.63 24.62 24.83
N GLN C 2 -12.94 5.39 16.48
CA GLN C 2 -12.52 6.41 17.51
C GLN C 2 -11.26 7.17 17.08
N PRO C 3 -11.43 8.45 16.76
CA PRO C 3 -10.30 9.28 16.35
C PRO C 3 -9.36 9.55 17.53
N PRO C 4 -8.17 10.04 17.24
CA PRO C 4 -7.19 10.40 18.27
C PRO C 4 -7.77 11.37 19.28
N SER C 5 -7.23 11.32 20.50
CA SER C 5 -7.72 12.14 21.59
C SER C 5 -7.17 13.55 21.72
N ASN C 6 -6.63 14.05 20.62
CA ASN C 6 -6.12 15.39 20.54
C ASN C 6 -6.55 15.97 19.21
N PRO C 7 -6.62 17.30 19.11
CA PRO C 7 -7.00 17.93 17.85
C PRO C 7 -5.97 17.65 16.75
N PRO C 8 -6.44 17.61 15.51
CA PRO C 8 -5.54 17.51 14.37
C PRO C 8 -4.71 18.78 14.34
N PRO C 9 -3.56 18.71 13.69
CA PRO C 9 -2.73 19.91 13.50
C PRO C 9 -3.53 20.90 12.69
N ARG C 10 -3.16 22.18 12.74
CA ARG C 10 -3.78 23.19 11.90
C ARG C 10 -3.45 22.83 10.46
N PRO C 11 -4.27 23.29 9.52
CA PRO C 11 -4.00 23.04 8.10
C PRO C 11 -2.60 23.54 7.78
N PRO C 12 -1.90 22.85 6.89
CA PRO C 12 -0.55 23.24 6.49
C PRO C 12 -0.54 24.64 5.89
N GLN D 2 -2.03 -11.78 -17.35
CA GLN D 2 -0.76 -12.22 -18.02
C GLN D 2 0.42 -11.50 -17.40
N PRO D 3 1.43 -12.29 -17.06
CA PRO D 3 2.66 -11.76 -16.45
C PRO D 3 3.53 -11.08 -17.50
N PRO D 4 4.56 -10.38 -17.04
CA PRO D 4 5.50 -9.70 -17.94
C PRO D 4 6.05 -10.66 -18.97
N SER D 5 6.51 -10.12 -20.10
CA SER D 5 6.98 -10.96 -21.20
C SER D 5 8.49 -11.28 -21.20
N ASN D 6 9.13 -11.00 -20.07
CA ASN D 6 10.52 -11.40 -19.87
C ASN D 6 10.58 -12.18 -18.58
N PRO D 7 11.52 -13.10 -18.47
CA PRO D 7 11.67 -13.85 -17.22
C PRO D 7 11.99 -12.91 -16.06
N PRO D 8 11.61 -13.30 -14.86
CA PRO D 8 11.99 -12.54 -13.67
C PRO D 8 13.53 -12.55 -13.55
N PRO D 9 14.06 -11.66 -12.72
CA PRO D 9 15.51 -11.62 -12.47
C PRO D 9 15.89 -12.91 -11.74
N ARG D 10 17.16 -13.31 -11.76
CA ARG D 10 17.57 -14.43 -10.93
C ARG D 10 17.36 -14.00 -9.48
N PRO D 11 17.32 -14.95 -8.53
CA PRO D 11 17.11 -14.60 -7.12
C PRO D 11 18.17 -13.63 -6.62
N PRO D 12 17.79 -12.77 -5.68
CA PRO D 12 18.69 -11.74 -5.13
C PRO D 12 19.71 -12.34 -4.18
#